data_6E6K
#
_entry.id   6E6K
#
_cell.length_a   35.039
_cell.length_b   57.390
_cell.length_c   67.990
_cell.angle_alpha   90.00
_cell.angle_beta   103.67
_cell.angle_gamma   90.00
#
_symmetry.space_group_name_H-M   'C 1 2 1'
#
loop_
_entity.id
_entity.type
_entity.pdbx_description
1 polymer 'Retinoid-binding protein 7'
2 non-polymer "(1'R,2'R)-5'-methyl-6-pentyl-2'-(prop-1-en-2-yl)-1',2',3',4'-tetrahydro[1,1'-biphenyl]-2,4-diol"
3 water water
#
_entity_poly.entity_id   1
_entity_poly.type   'polypeptide(L)'
_entity_poly.pdbx_seq_one_letter_code
;PADLSGTWTLLSSDNFEGYMLALGIDFATRKIAKLLKPQKVIEQNGDSFTIHTNSSLRNYFVKFKVGEEFDEDNRGLDNR
KCKSLVIWDNDRLTCIQKGEKKNRGWTHWIEGDKLHLEMFCEGQVCKQTFQRALVPR
;
_entity_poly.pdbx_strand_id   A
#
# COMPACT_ATOMS: atom_id res chain seq x y z
N PRO A 1 10.69 10.40 10.47
CA PRO A 1 9.93 10.54 9.22
C PRO A 1 10.80 10.81 8.01
N ALA A 2 10.19 10.68 6.84
CA ALA A 2 10.89 10.89 5.59
C ALA A 2 9.87 11.42 4.59
N ASP A 3 10.36 12.11 3.56
CA ASP A 3 9.49 12.67 2.54
C ASP A 3 9.29 11.58 1.49
N LEU A 4 8.10 10.98 1.47
CA LEU A 4 7.74 9.90 0.56
C LEU A 4 6.99 10.43 -0.65
N SER A 5 6.81 11.75 -0.73
CA SER A 5 5.94 12.33 -1.73
C SER A 5 6.47 12.02 -3.13
N GLY A 6 5.57 11.90 -4.06
CA GLY A 6 5.98 11.79 -5.44
C GLY A 6 5.02 10.97 -6.27
N THR A 7 5.35 10.89 -7.54
CA THR A 7 4.71 10.01 -8.51
C THR A 7 5.69 8.89 -8.84
N TRP A 8 5.26 7.66 -8.61
CA TRP A 8 6.15 6.53 -8.47
C TRP A 8 5.74 5.42 -9.42
N THR A 9 6.69 4.95 -10.22
CA THR A 9 6.44 3.86 -11.16
C THR A 9 6.90 2.55 -10.55
N LEU A 10 6.02 1.54 -10.59
CA LEU A 10 6.36 0.22 -10.07
C LEU A 10 7.51 -0.40 -10.87
N LEU A 11 8.58 -0.76 -10.16
CA LEU A 11 9.79 -1.28 -10.78
C LEU A 11 10.05 -2.74 -10.47
N SER A 12 9.69 -3.22 -9.28
CA SER A 12 9.78 -4.63 -8.96
C SER A 12 8.63 -5.01 -8.04
N SER A 13 8.24 -6.28 -8.10
CA SER A 13 7.13 -6.78 -7.31
C SER A 13 7.32 -8.27 -7.09
N ASP A 14 7.41 -8.68 -5.81
CA ASP A 14 7.64 -10.07 -5.44
C ASP A 14 6.51 -10.58 -4.56
N ASN A 15 5.96 -11.75 -4.91
CA ASN A 15 4.94 -12.44 -4.13
C ASN A 15 3.62 -11.67 -4.02
N PHE A 16 3.25 -10.91 -5.05
CA PHE A 16 1.93 -10.33 -5.06
C PHE A 16 0.87 -11.44 -5.03
N GLU A 17 1.19 -12.58 -5.64
CA GLU A 17 0.26 -13.69 -5.66
C GLU A 17 -0.05 -14.18 -4.25
N GLY A 18 0.97 -14.33 -3.41
CA GLY A 18 0.72 -14.85 -2.09
C GLY A 18 -0.07 -13.87 -1.23
N TYR A 19 0.23 -12.57 -1.37
CA TYR A 19 -0.55 -11.56 -0.66
C TYR A 19 -2.02 -11.61 -1.08
N MET A 20 -2.29 -11.68 -2.39
CA MET A 20 -3.67 -11.75 -2.85
C MET A 20 -4.35 -13.05 -2.42
N LEU A 21 -3.62 -14.17 -2.41
CA LEU A 21 -4.21 -15.40 -1.90
C LEU A 21 -4.61 -15.25 -0.44
N ALA A 22 -3.75 -14.62 0.36
CA ALA A 22 -4.08 -14.37 1.75
C ALA A 22 -5.35 -13.54 1.90
N LEU A 23 -5.63 -12.68 0.93
CA LEU A 23 -6.85 -11.87 0.92
C LEU A 23 -8.03 -12.56 0.26
N GLY A 24 -7.85 -13.76 -0.28
CA GLY A 24 -8.93 -14.46 -0.96
C GLY A 24 -9.37 -13.87 -2.28
N ILE A 25 -8.52 -13.08 -2.94
CA ILE A 25 -8.88 -12.57 -4.26
C ILE A 25 -9.10 -13.75 -5.21
N ASP A 26 -10.12 -13.65 -6.06
CA ASP A 26 -10.44 -14.80 -6.89
C ASP A 26 -9.46 -14.93 -8.07
N PHE A 27 -9.50 -16.09 -8.71
CA PHE A 27 -8.52 -16.47 -9.72
C PHE A 27 -8.45 -15.44 -10.84
N ALA A 28 -9.61 -15.08 -11.41
CA ALA A 28 -9.62 -14.19 -12.57
C ALA A 28 -9.18 -12.79 -12.19
N THR A 29 -9.56 -12.36 -11.00
CA THR A 29 -9.13 -11.04 -10.53
C THR A 29 -7.63 -10.98 -10.28
N ARG A 30 -7.05 -12.03 -9.68
CA ARG A 30 -5.60 -12.06 -9.50
C ARG A 30 -4.88 -11.93 -10.84
N LYS A 31 -5.36 -12.63 -11.87
CA LYS A 31 -4.76 -12.53 -13.20
C LYS A 31 -4.73 -11.09 -13.68
N ILE A 32 -5.86 -10.41 -13.60
CA ILE A 32 -5.93 -9.02 -14.05
C ILE A 32 -5.03 -8.15 -13.17
N ALA A 33 -5.14 -8.33 -11.84
CA ALA A 33 -4.43 -7.47 -10.90
C ALA A 33 -2.93 -7.47 -11.17
N LYS A 34 -2.36 -8.64 -11.49
CA LYS A 34 -0.92 -8.74 -11.74
C LYS A 34 -0.49 -8.05 -13.03
N LEU A 35 -1.41 -7.81 -13.96
CA LEU A 35 -1.10 -7.08 -15.19
C LEU A 35 -1.19 -5.56 -15.05
N LEU A 36 -1.91 -5.03 -14.06
CA LEU A 36 -2.31 -3.62 -14.07
C LEU A 36 -1.15 -2.63 -13.84
N LYS A 37 -0.13 -3.02 -13.08
CA LYS A 37 1.01 -2.17 -12.73
C LYS A 37 0.62 -0.73 -12.35
N PRO A 38 -0.15 -0.55 -11.27
CA PRO A 38 -0.62 0.79 -10.95
C PRO A 38 0.52 1.73 -10.61
N GLN A 39 0.30 3.00 -10.90
CA GLN A 39 1.17 4.07 -10.46
C GLN A 39 0.82 4.44 -9.02
N LYS A 40 1.84 4.72 -8.24
CA LYS A 40 1.67 5.08 -6.84
C LYS A 40 1.96 6.57 -6.72
N VAL A 41 1.00 7.33 -6.19
CA VAL A 41 1.13 8.78 -6.03
C VAL A 41 0.95 9.08 -4.56
N ILE A 42 1.96 9.65 -3.94
CA ILE A 42 1.92 10.00 -2.51
C ILE A 42 1.88 11.52 -2.40
N GLU A 43 0.83 12.00 -1.77
CA GLU A 43 0.71 13.42 -1.40
C GLU A 43 0.92 13.50 0.11
N GLN A 44 1.89 14.31 0.53
CA GLN A 44 2.34 14.33 1.93
C GLN A 44 2.47 15.76 2.39
N ASN A 45 1.79 16.11 3.47
CA ASN A 45 1.80 17.47 3.99
C ASN A 45 1.73 17.36 5.51
N GLY A 46 2.89 17.41 6.13
CA GLY A 46 2.94 17.24 7.55
C GLY A 46 2.53 15.83 7.93
N ASP A 47 1.53 15.70 8.78
CA ASP A 47 1.03 14.39 9.16
C ASP A 47 -0.07 13.89 8.23
N SER A 48 -0.45 14.67 7.23
CA SER A 48 -1.57 14.34 6.35
C SER A 48 -1.07 13.72 5.05
N PHE A 49 -1.65 12.58 4.69
CA PHE A 49 -1.28 11.86 3.50
C PHE A 49 -2.50 11.53 2.67
N THR A 50 -2.31 11.52 1.35
CA THR A 50 -3.20 10.81 0.45
C THR A 50 -2.31 9.91 -0.41
N ILE A 51 -2.56 8.61 -0.39
CA ILE A 51 -1.79 7.66 -1.17
C ILE A 51 -2.71 7.03 -2.18
N HIS A 52 -2.37 7.23 -3.45
CA HIS A 52 -3.17 6.76 -4.58
C HIS A 52 -2.49 5.54 -5.19
N THR A 53 -3.30 4.56 -5.57
CA THR A 53 -2.85 3.42 -6.36
C THR A 53 -3.74 3.39 -7.61
N ASN A 54 -3.18 3.81 -8.74
CA ASN A 54 -3.96 4.19 -9.92
C ASN A 54 -3.70 3.26 -11.09
N SER A 55 -4.78 2.74 -11.68
CA SER A 55 -4.70 1.90 -12.85
C SER A 55 -5.86 2.24 -13.78
N SER A 56 -5.78 1.69 -15.00
CA SER A 56 -6.85 1.90 -15.98
C SER A 56 -8.17 1.31 -15.52
N LEU A 57 -8.14 0.20 -14.77
CA LEU A 57 -9.36 -0.48 -14.37
C LEU A 57 -10.05 0.27 -13.24
N ARG A 58 -9.29 0.72 -12.26
CA ARG A 58 -9.84 1.53 -11.19
C ARG A 58 -8.69 2.06 -10.37
N ASN A 59 -8.97 3.12 -9.65
CA ASN A 59 -8.05 3.68 -8.68
C ASN A 59 -8.52 3.33 -7.28
N TYR A 60 -7.57 3.22 -6.38
CA TYR A 60 -7.83 3.15 -4.96
C TYR A 60 -7.04 4.28 -4.33
N PHE A 61 -7.61 4.95 -3.35
CA PHE A 61 -6.77 5.83 -2.57
C PHE A 61 -7.20 5.76 -1.12
N VAL A 62 -6.27 6.12 -0.26
N VAL A 62 -6.26 6.07 -0.25
CA VAL A 62 -6.53 6.22 1.16
CA VAL A 62 -6.51 6.23 1.17
C VAL A 62 -6.02 7.58 1.61
C VAL A 62 -6.03 7.60 1.57
N LYS A 63 -6.83 8.28 2.40
CA LYS A 63 -6.48 9.57 2.95
C LYS A 63 -6.46 9.40 4.46
N PHE A 64 -5.38 9.84 5.09
CA PHE A 64 -5.26 9.64 6.53
C PHE A 64 -4.31 10.67 7.13
N LYS A 65 -4.34 10.75 8.45
CA LYS A 65 -3.36 11.47 9.23
C LYS A 65 -2.61 10.46 10.08
N VAL A 66 -1.30 10.61 10.19
CA VAL A 66 -0.53 9.75 11.07
C VAL A 66 -1.09 9.84 12.47
N GLY A 67 -1.25 8.69 13.12
CA GLY A 67 -1.76 8.62 14.47
C GLY A 67 -3.26 8.65 14.60
N GLU A 68 -4.02 8.74 13.51
CA GLU A 68 -5.47 8.92 13.55
C GLU A 68 -6.12 7.68 12.96
N GLU A 69 -6.81 6.90 13.80
CA GLU A 69 -7.44 5.67 13.34
C GLU A 69 -8.54 6.00 12.34
N PHE A 70 -8.72 5.14 11.34
CA PHE A 70 -9.77 5.35 10.36
C PHE A 70 -10.24 4.02 9.79
N ASP A 71 -11.53 3.90 9.54
CA ASP A 71 -12.04 2.69 8.93
C ASP A 71 -11.77 2.75 7.43
N GLU A 72 -11.37 1.62 6.89
CA GLU A 72 -10.99 1.51 5.50
C GLU A 72 -11.87 0.44 4.90
N ASP A 73 -12.57 0.80 3.81
CA ASP A 73 -13.51 -0.13 3.22
C ASP A 73 -12.85 -1.10 2.25
N ASN A 74 -11.65 -0.78 1.77
CA ASN A 74 -10.96 -1.66 0.82
C ASN A 74 -11.82 -1.96 -0.40
N ARG A 75 -12.68 -1.02 -0.79
CA ARG A 75 -13.59 -1.27 -1.89
C ARG A 75 -12.82 -1.23 -3.20
N GLY A 76 -13.00 -2.27 -4.00
CA GLY A 76 -12.21 -2.47 -5.20
C GLY A 76 -10.99 -3.34 -4.97
N LEU A 77 -10.66 -3.63 -3.72
CA LEU A 77 -9.62 -4.58 -3.38
C LEU A 77 -10.23 -5.90 -2.93
N ASP A 78 -10.22 -6.18 -1.63
CA ASP A 78 -10.89 -7.36 -1.07
C ASP A 78 -12.22 -7.01 -0.39
N ASN A 79 -12.59 -5.74 -0.37
CA ASN A 79 -13.88 -5.27 0.14
C ASN A 79 -14.11 -5.64 1.61
N ARG A 80 -13.04 -5.82 2.40
CA ARG A 80 -13.15 -6.10 3.82
C ARG A 80 -12.90 -4.84 4.64
N LYS A 81 -13.80 -4.55 5.58
CA LYS A 81 -13.62 -3.41 6.46
C LYS A 81 -12.52 -3.68 7.47
N CYS A 82 -11.60 -2.74 7.57
CA CYS A 82 -10.54 -2.74 8.56
C CYS A 82 -10.55 -1.40 9.27
N LYS A 83 -10.08 -1.42 10.51
CA LYS A 83 -9.75 -0.19 11.24
C LYS A 83 -8.25 -0.01 11.12
N SER A 84 -7.85 1.03 10.42
CA SER A 84 -6.46 1.23 10.06
C SER A 84 -5.83 2.35 10.86
N LEU A 85 -4.53 2.21 11.11
CA LEU A 85 -3.75 3.21 11.82
C LEU A 85 -2.37 3.26 11.19
N VAL A 86 -1.91 4.47 10.85
CA VAL A 86 -0.60 4.68 10.24
C VAL A 86 0.24 5.49 11.21
N ILE A 87 1.45 4.99 11.48
CA ILE A 87 2.40 5.65 12.36
C ILE A 87 3.79 5.46 11.78
N TRP A 88 4.68 6.35 12.18
CA TRP A 88 6.09 6.25 11.82
C TRP A 88 6.80 5.28 12.75
N ASP A 89 7.50 4.32 12.15
CA ASP A 89 8.42 3.41 12.84
C ASP A 89 9.80 3.87 12.36
N ASN A 90 10.40 4.78 13.13
CA ASN A 90 11.54 5.56 12.67
C ASN A 90 11.21 6.22 11.33
N ASP A 91 11.87 5.80 10.25
CA ASP A 91 11.62 6.40 8.94
C ASP A 91 10.79 5.48 8.04
N ARG A 92 10.08 4.52 8.62
N ARG A 92 10.17 4.47 8.61
CA ARG A 92 9.23 3.62 7.85
CA ARG A 92 9.22 3.64 7.88
C ARG A 92 7.78 3.84 8.22
C ARG A 92 7.82 4.08 8.25
N LEU A 93 6.97 4.28 7.25
CA LEU A 93 5.58 4.59 7.49
C LEU A 93 4.82 3.28 7.50
N THR A 94 4.21 2.95 8.65
CA THR A 94 3.67 1.63 8.93
C THR A 94 2.18 1.73 9.19
N CYS A 95 1.42 0.92 8.48
CA CYS A 95 -0.03 0.85 8.64
C CYS A 95 -0.42 -0.51 9.20
N ILE A 96 -1.20 -0.50 10.26
CA ILE A 96 -1.81 -1.68 10.84
C ILE A 96 -3.27 -1.66 10.44
N GLN A 97 -3.76 -2.71 9.80
CA GLN A 97 -5.15 -2.81 9.30
C GLN A 97 -5.84 -3.88 10.14
N LYS A 98 -6.49 -3.44 11.23
CA LYS A 98 -7.09 -4.35 12.18
C LYS A 98 -8.42 -4.85 11.65
N GLY A 99 -8.61 -6.17 11.65
CA GLY A 99 -9.80 -6.73 11.07
C GLY A 99 -9.78 -8.25 11.10
N GLU A 100 -10.50 -8.86 10.15
CA GLU A 100 -10.62 -10.32 10.16
C GLU A 100 -9.27 -10.98 9.95
N LYS A 101 -8.51 -10.54 8.96
CA LYS A 101 -7.21 -11.15 8.68
C LYS A 101 -6.19 -10.75 9.72
N LYS A 102 -5.31 -11.68 10.06
CA LYS A 102 -4.26 -11.42 11.03
C LYS A 102 -3.02 -10.81 10.36
N ASN A 103 -2.32 -9.98 11.12
CA ASN A 103 -1.05 -9.43 10.70
C ASN A 103 -1.15 -8.83 9.30
N ARG A 104 -2.13 -7.95 9.13
CA ARG A 104 -2.43 -7.30 7.85
C ARG A 104 -2.02 -5.84 7.92
N GLY A 105 -1.29 -5.38 6.92
CA GLY A 105 -0.86 -4.00 6.92
C GLY A 105 0.05 -3.73 5.74
N TRP A 106 0.72 -2.58 5.82
CA TRP A 106 1.72 -2.22 4.82
C TRP A 106 2.73 -1.27 5.44
N THR A 107 3.88 -1.17 4.79
CA THR A 107 4.97 -0.32 5.22
CA THR A 107 4.96 -0.31 5.22
C THR A 107 5.64 0.30 4.00
N HIS A 108 5.87 1.61 4.04
CA HIS A 108 6.62 2.34 3.02
C HIS A 108 7.89 2.87 3.63
N TRP A 109 8.93 2.94 2.82
CA TRP A 109 10.12 3.66 3.21
C TRP A 109 10.85 4.07 1.94
N ILE A 110 11.84 4.93 2.09
CA ILE A 110 12.62 5.42 0.95
C ILE A 110 14.11 5.23 1.21
N GLU A 111 14.82 4.78 0.18
CA GLU A 111 16.26 4.52 0.21
C GLU A 111 16.85 5.34 -0.93
N GLY A 112 17.58 6.38 -0.59
CA GLY A 112 17.97 7.35 -1.59
C GLY A 112 16.70 7.96 -2.10
N ASP A 113 16.47 7.81 -3.40
CA ASP A 113 15.23 8.26 -4.02
CA ASP A 113 15.23 8.26 -4.02
C ASP A 113 14.47 7.07 -4.61
N LYS A 114 14.61 5.89 -3.99
CA LYS A 114 13.91 4.67 -4.40
C LYS A 114 12.88 4.35 -3.33
N LEU A 115 11.62 4.24 -3.74
CA LEU A 115 10.52 3.97 -2.82
C LEU A 115 10.33 2.48 -2.67
N HIS A 116 10.14 2.05 -1.42
CA HIS A 116 9.95 0.66 -1.05
C HIS A 116 8.57 0.51 -0.43
N LEU A 117 7.99 -0.68 -0.61
CA LEU A 117 6.69 -1.01 -0.04
C LEU A 117 6.66 -2.49 0.31
N GLU A 118 6.17 -2.79 1.49
CA GLU A 118 5.74 -4.15 1.82
C GLU A 118 4.23 -4.11 2.05
N MET A 119 3.49 -4.96 1.36
CA MET A 119 2.09 -5.22 1.67
C MET A 119 2.03 -6.62 2.23
N PHE A 120 1.40 -6.79 3.39
CA PHE A 120 1.46 -8.09 4.04
C PHE A 120 0.12 -8.46 4.65
N CYS A 121 -0.12 -9.77 4.68
CA CYS A 121 -1.32 -10.33 5.29
C CYS A 121 -1.00 -11.76 5.68
N GLU A 122 -1.08 -12.05 6.97
CA GLU A 122 -0.95 -13.39 7.54
C GLU A 122 0.27 -14.15 7.02
N GLY A 123 1.40 -13.48 7.07
CA GLY A 123 2.66 -14.09 6.77
C GLY A 123 3.08 -13.98 5.33
N GLN A 124 2.16 -13.62 4.44
CA GLN A 124 2.48 -13.40 3.04
C GLN A 124 2.87 -11.94 2.84
N VAL A 125 4.10 -11.72 2.43
CA VAL A 125 4.63 -10.37 2.23
C VAL A 125 4.86 -10.19 0.74
N CYS A 126 4.27 -9.14 0.19
CA CYS A 126 4.55 -8.68 -1.18
C CYS A 126 5.48 -7.48 -1.07
N LYS A 127 6.69 -7.61 -1.62
CA LYS A 127 7.68 -6.53 -1.62
C LYS A 127 7.71 -5.87 -2.99
N GLN A 128 7.50 -4.55 -3.01
CA GLN A 128 7.57 -3.76 -4.23
C GLN A 128 8.55 -2.62 -4.06
N THR A 129 9.17 -2.23 -5.17
CA THR A 129 9.95 -1.02 -5.23
C THR A 129 9.53 -0.19 -6.43
N PHE A 130 9.85 1.09 -6.35
CA PHE A 130 9.39 2.09 -7.30
C PHE A 130 10.49 3.09 -7.61
N GLN A 131 10.43 3.66 -8.81
CA GLN A 131 11.28 4.76 -9.20
C GLN A 131 10.42 5.99 -9.43
N ARG A 132 10.99 7.17 -9.22
CA ARG A 132 10.25 8.41 -9.42
C ARG A 132 10.00 8.64 -10.91
N ALA A 133 8.72 8.72 -11.28
CA ALA A 133 8.24 8.66 -12.67
C ALA A 133 8.70 9.85 -13.50
N LEU A 134 8.71 11.05 -12.93
CA LEU A 134 8.97 12.25 -13.71
C LEU A 134 10.38 12.78 -13.44
#